data_3GRH
#
_entry.id   3GRH
#
_cell.length_a   79.200
_cell.length_b   79.200
_cell.length_c   159.650
_cell.angle_alpha   90.00
_cell.angle_beta   90.00
_cell.angle_gamma   120.00
#
_symmetry.space_group_name_H-M   'P 31 2 1'
#
loop_
_entity.id
_entity.type
_entity.pdbx_description
1 polymer 'Acyl-CoA thioester hydrolase ybgC'
2 water water
#
_entity_poly.entity_id   1
_entity_poly.type   'polypeptide(L)'
_entity_poly.pdbx_seq_one_letter_code
;MHHHHHHSSGVDLGTENLYFQSMQRPSDQTAPGTSSRPILSAKEAQNFDAQHYFASLTPGAAAWNPSPITLPAQPDFVVG
PAGTQGVTHTTIQAAVDAAIIKRTNKRQYIAVMPGEYQGTVYVPAAPGGITLYGTGEKPIDVKIGLSLDGGMSPADWRHD
VNPRGKYMPGKPAWYMYDSCQSKRSDSIGVLCSAVFWSQNNGLQLQNLTIENTLGDSVDAGNHPAVALRTDGDQVQINNV
NILGRQNTFFVTNSGVQNRLETNRQPRTLVTNSYIEGDVDIVSGRGAVVFDNTEFRVVNSRTQQEAYVFAPATLSNIYYG
FLAVNSRFNAFGDGVAQLGRSLDVDANTNGQVVIRDSAINEGFNTAKPWADAVISNRPFAGNTGSVDDNDEIQRNLNDTN
YNRMWEYNNRGVGSKVVAEAKK
;
_entity_poly.pdbx_strand_id   A
#
# COMPACT_ATOMS: atom_id res chain seq x y z
N TYR A 19 11.07 20.71 -39.05
CA TYR A 19 10.52 20.29 -37.74
C TYR A 19 11.31 20.89 -36.57
N PHE A 20 10.66 21.72 -35.73
CA PHE A 20 11.37 22.42 -34.63
C PHE A 20 11.44 21.54 -33.43
N GLN A 21 12.41 21.86 -32.55
CA GLN A 21 12.77 21.04 -31.39
C GLN A 21 11.82 21.34 -30.25
N SER A 22 11.12 20.32 -29.77
CA SER A 22 10.36 20.42 -28.53
C SER A 22 11.27 21.01 -27.46
N MET A 23 10.72 21.85 -26.64
CA MET A 23 11.44 22.40 -25.56
C MET A 23 11.32 21.49 -24.32
N GLN A 24 10.65 20.31 -24.39
CA GLN A 24 10.51 19.42 -23.25
C GLN A 24 11.86 18.86 -22.81
N ARG A 25 12.05 18.84 -21.49
CA ARG A 25 13.28 18.29 -20.89
C ARG A 25 13.22 16.76 -20.81
N PRO A 26 14.12 16.05 -21.52
CA PRO A 26 14.10 14.62 -21.51
C PRO A 26 14.61 14.10 -20.17
N SER A 27 14.04 12.99 -19.74
CA SER A 27 14.52 12.32 -18.55
C SER A 27 15.93 11.99 -18.93
N ASP A 28 16.84 12.08 -17.97
CA ASP A 28 18.18 11.65 -18.32
C ASP A 28 18.40 10.19 -18.07
N GLN A 29 17.35 9.41 -17.74
CA GLN A 29 17.50 8.01 -17.45
C GLN A 29 17.47 7.21 -18.76
N THR A 30 18.57 6.49 -19.01
CA THR A 30 18.77 5.81 -20.31
C THR A 30 19.01 4.35 -20.04
N ALA A 31 18.25 3.50 -20.75
CA ALA A 31 18.37 2.06 -20.65
C ALA A 31 19.74 1.59 -21.19
N PRO A 32 20.32 0.53 -20.60
CA PRO A 32 19.75 -0.32 -19.59
C PRO A 32 19.97 0.05 -18.15
N GLY A 33 20.67 1.16 -17.94
CA GLY A 33 21.03 1.67 -16.64
C GLY A 33 22.25 0.96 -16.14
N THR A 34 22.33 0.87 -14.82
CA THR A 34 23.42 0.22 -14.17
C THR A 34 22.98 -0.93 -13.31
N SER A 35 23.93 -1.74 -12.84
CA SER A 35 23.62 -2.80 -11.92
C SER A 35 22.94 -2.30 -10.65
N SER A 36 23.24 -1.07 -10.26
CA SER A 36 22.62 -0.51 -9.05
C SER A 36 21.27 0.12 -9.32
N ARG A 37 21.01 0.49 -10.57
CA ARG A 37 19.83 1.29 -10.96
C ARG A 37 19.44 0.94 -12.39
N PRO A 38 18.77 -0.19 -12.56
CA PRO A 38 18.39 -0.57 -13.89
C PRO A 38 17.23 0.26 -14.43
N ILE A 39 17.32 0.57 -15.71
CA ILE A 39 16.42 1.44 -16.40
C ILE A 39 15.85 0.67 -17.57
N LEU A 40 14.54 0.65 -17.67
CA LEU A 40 13.83 -0.04 -18.76
C LEU A 40 13.89 0.71 -20.07
N SER A 41 13.98 -0.05 -21.16
CA SER A 41 13.77 0.49 -22.49
C SER A 41 12.32 0.78 -22.74
N ALA A 42 12.03 1.57 -23.75
CA ALA A 42 10.64 1.85 -24.11
C ALA A 42 9.84 0.61 -24.39
N LYS A 43 10.47 -0.33 -25.08
CA LYS A 43 9.82 -1.58 -25.41
C LYS A 43 9.51 -2.38 -24.19
N GLU A 44 10.48 -2.47 -23.30
CA GLU A 44 10.20 -3.16 -22.04
C GLU A 44 9.09 -2.46 -21.28
N ALA A 45 9.07 -1.13 -21.27
CA ALA A 45 8.15 -0.43 -20.38
C ALA A 45 6.72 -0.58 -20.85
N GLN A 46 6.49 -0.97 -22.10
CA GLN A 46 5.12 -1.16 -22.56
C GLN A 46 4.37 -2.28 -21.79
N ASN A 47 5.10 -3.18 -21.21
CA ASN A 47 4.48 -4.26 -20.41
C ASN A 47 4.13 -3.82 -19.01
N PHE A 48 4.46 -2.58 -18.63
CA PHE A 48 4.33 -2.10 -17.25
C PHE A 48 3.47 -0.90 -17.10
N ASP A 49 2.23 -1.09 -17.49
CA ASP A 49 1.19 -0.10 -17.30
C ASP A 49 0.00 -0.65 -16.62
N ALA A 50 -0.96 0.21 -16.24
CA ALA A 50 -1.98 -0.22 -15.38
C ALA A 50 -2.76 -1.37 -15.96
N GLN A 51 -3.00 -1.41 -17.27
CA GLN A 51 -3.75 -2.48 -17.87
C GLN A 51 -3.11 -3.86 -17.75
N HIS A 52 -1.77 -3.92 -17.70
CA HIS A 52 -1.09 -5.17 -17.44
C HIS A 52 -1.10 -5.54 -16.03
N TYR A 53 -0.94 -4.55 -15.16
CA TYR A 53 -1.01 -4.86 -13.70
C TYR A 53 -2.36 -5.31 -13.25
N PHE A 54 -3.39 -4.87 -14.01
CA PHE A 54 -4.76 -5.14 -13.64
C PHE A 54 -5.41 -6.23 -14.48
N ALA A 55 -4.60 -6.98 -15.22
CA ALA A 55 -5.11 -8.01 -16.09
C ALA A 55 -5.92 -9.05 -15.34
N SER A 56 -6.96 -9.59 -15.99
CA SER A 56 -7.75 -10.71 -15.38
C SER A 56 -6.99 -12.03 -15.45
N LEU A 57 -7.46 -13.09 -14.80
CA LEU A 57 -6.82 -14.42 -15.09
C LEU A 57 -7.61 -15.32 -15.99
N THR A 58 -8.94 -15.23 -15.95
CA THR A 58 -9.78 -15.91 -16.91
C THR A 58 -9.40 -15.45 -18.32
N PRO A 59 -9.54 -16.32 -19.33
CA PRO A 59 -9.66 -15.86 -20.72
C PRO A 59 -11.08 -15.37 -20.98
N GLY A 60 -11.28 -14.63 -22.08
CA GLY A 60 -12.56 -13.94 -22.36
C GLY A 60 -12.82 -12.73 -21.46
N ALA A 61 -11.80 -12.36 -20.67
CA ALA A 61 -11.93 -11.39 -19.58
C ALA A 61 -11.00 -10.16 -19.71
N ALA A 62 -11.63 -9.00 -19.71
CA ALA A 62 -10.95 -7.74 -19.82
C ALA A 62 -10.25 -7.44 -18.50
N ALA A 63 -9.19 -6.64 -18.59
CA ALA A 63 -8.52 -6.13 -17.40
C ALA A 63 -9.46 -5.26 -16.62
N TRP A 64 -9.19 -5.12 -15.33
CA TRP A 64 -9.99 -4.23 -14.49
C TRP A 64 -9.69 -2.82 -14.93
N ASN A 65 -10.78 -2.07 -15.19
CA ASN A 65 -10.69 -0.66 -15.56
C ASN A 65 -11.67 0.10 -14.70
N PRO A 66 -11.28 0.41 -13.50
CA PRO A 66 -12.29 0.89 -12.59
C PRO A 66 -12.82 2.26 -12.93
N SER A 67 -14.10 2.51 -12.68
CA SER A 67 -14.59 3.85 -12.88
C SER A 67 -14.26 4.55 -11.59
N PRO A 68 -14.11 5.87 -11.62
CA PRO A 68 -13.91 6.57 -10.36
C PRO A 68 -15.00 6.46 -9.33
N ILE A 69 -14.60 6.62 -8.08
CA ILE A 69 -15.55 6.60 -7.02
C ILE A 69 -16.60 7.64 -7.21
N THR A 70 -17.88 7.29 -7.01
CA THR A 70 -18.99 8.20 -7.25
C THR A 70 -19.80 8.27 -6.00
N LEU A 71 -20.03 9.44 -5.47
CA LEU A 71 -20.76 9.48 -4.22
C LEU A 71 -22.25 9.67 -4.47
N PRO A 72 -23.07 9.07 -3.61
CA PRO A 72 -24.50 9.04 -3.75
C PRO A 72 -25.06 10.33 -3.28
N ALA A 73 -26.32 10.62 -3.62
CA ALA A 73 -26.92 11.83 -3.13
C ALA A 73 -27.18 11.74 -1.64
N GLN A 74 -27.42 10.49 -1.18
CA GLN A 74 -27.62 10.21 0.23
C GLN A 74 -26.80 9.00 0.68
N PRO A 75 -26.00 9.15 1.73
CA PRO A 75 -25.35 7.91 2.15
C PRO A 75 -26.24 6.93 2.89
N ASP A 76 -25.78 5.69 2.98
CA ASP A 76 -26.50 4.66 3.71
C ASP A 76 -26.33 4.83 5.21
N PHE A 77 -25.14 5.24 5.61
CA PHE A 77 -24.78 5.43 7.00
C PHE A 77 -23.93 6.68 7.13
N VAL A 78 -24.09 7.33 8.30
CA VAL A 78 -23.32 8.50 8.64
C VAL A 78 -22.66 8.37 10.01
N VAL A 79 -21.33 8.53 10.07
CA VAL A 79 -20.60 8.42 11.31
C VAL A 79 -20.24 9.82 11.71
N GLY A 80 -20.45 10.15 12.99
CA GLY A 80 -20.24 11.48 13.44
C GLY A 80 -20.33 11.56 14.92
N PRO A 81 -20.28 12.78 15.45
CA PRO A 81 -20.42 12.99 16.89
C PRO A 81 -21.83 12.69 17.32
N ALA A 82 -21.96 12.14 18.52
CA ALA A 82 -23.26 11.85 19.08
C ALA A 82 -24.18 13.08 19.20
N GLY A 83 -25.42 12.91 18.74
CA GLY A 83 -26.44 13.95 18.81
C GLY A 83 -26.48 14.85 17.59
N THR A 84 -25.49 14.75 16.69
CA THR A 84 -25.47 15.62 15.51
C THR A 84 -26.50 15.12 14.52
N GLN A 85 -27.14 16.05 13.83
CA GLN A 85 -28.18 15.69 12.88
C GLN A 85 -27.70 14.78 11.77
N GLY A 86 -28.42 13.67 11.60
CA GLY A 86 -28.20 12.77 10.49
C GLY A 86 -27.19 11.69 10.80
N VAL A 87 -26.53 11.78 11.95
CA VAL A 87 -25.56 10.75 12.37
C VAL A 87 -26.33 9.49 12.71
N THR A 88 -25.86 8.36 12.18
CA THR A 88 -26.42 7.04 12.48
C THR A 88 -25.55 6.32 13.54
N HIS A 89 -24.25 6.54 13.50
CA HIS A 89 -23.32 5.77 14.32
C HIS A 89 -22.19 6.63 14.81
N THR A 90 -21.58 6.31 15.93
CA THR A 90 -20.51 7.16 16.49
C THR A 90 -19.13 6.55 16.31
N THR A 91 -19.08 5.31 15.86
CA THR A 91 -17.80 4.69 15.52
C THR A 91 -17.91 4.12 14.15
N ILE A 92 -16.75 4.01 13.51
CA ILE A 92 -16.75 3.58 12.12
C ILE A 92 -17.00 2.10 12.03
N GLN A 93 -16.47 1.35 13.00
CA GLN A 93 -16.73 -0.09 13.04
C GLN A 93 -18.20 -0.39 13.16
N ALA A 94 -18.95 0.38 13.94
CA ALA A 94 -20.38 0.14 14.09
C ALA A 94 -21.13 0.32 12.79
N ALA A 95 -20.75 1.33 12.00
CA ALA A 95 -21.38 1.56 10.72
C ALA A 95 -21.01 0.47 9.75
N VAL A 96 -19.76 0.08 9.71
CA VAL A 96 -19.33 -1.07 8.87
C VAL A 96 -20.11 -2.30 9.19
N ASP A 97 -20.25 -2.64 10.48
CA ASP A 97 -21.07 -3.74 10.90
C ASP A 97 -22.50 -3.62 10.45
N ALA A 98 -23.09 -2.42 10.50
CA ALA A 98 -24.45 -2.27 10.09
C ALA A 98 -24.60 -2.48 8.59
N ALA A 99 -23.56 -2.15 7.84
CA ALA A 99 -23.56 -2.39 6.41
C ALA A 99 -23.46 -3.86 6.11
N ILE A 100 -22.56 -4.53 6.79
CA ILE A 100 -22.29 -5.95 6.54
C ILE A 100 -23.46 -6.85 6.89
N ILE A 101 -24.13 -6.57 7.97
CA ILE A 101 -25.27 -7.45 8.42
C ILE A 101 -26.39 -7.48 7.39
N LYS A 102 -26.48 -6.51 6.50
CA LYS A 102 -27.54 -6.54 5.48
C LYS A 102 -27.41 -7.67 4.46
N ARG A 103 -26.20 -8.20 4.31
CA ARG A 103 -25.91 -9.31 3.39
C ARG A 103 -26.32 -9.02 1.99
N THR A 104 -26.02 -7.81 1.56
CA THR A 104 -26.42 -7.38 0.22
C THR A 104 -25.26 -7.33 -0.77
N ASN A 105 -25.61 -7.51 -2.03
CA ASN A 105 -24.66 -7.42 -3.18
C ASN A 105 -24.47 -5.98 -3.63
N LYS A 106 -25.34 -5.10 -3.19
CA LYS A 106 -25.28 -3.71 -3.58
C LYS A 106 -24.23 -3.00 -2.77
N ARG A 107 -23.56 -2.07 -3.43
CA ARG A 107 -22.58 -1.22 -2.74
C ARG A 107 -23.22 -0.32 -1.69
N GLN A 108 -22.58 -0.22 -0.51
CA GLN A 108 -23.05 0.65 0.54
C GLN A 108 -22.07 1.72 0.84
N TYR A 109 -22.59 2.90 1.13
CA TYR A 109 -21.81 4.11 1.31
C TYR A 109 -21.93 4.61 2.74
N ILE A 110 -20.76 4.82 3.37
CA ILE A 110 -20.67 5.27 4.74
C ILE A 110 -19.94 6.58 4.71
N ALA A 111 -20.64 7.64 5.06
CA ALA A 111 -20.04 9.00 5.15
C ALA A 111 -19.49 9.18 6.53
N VAL A 112 -18.33 9.80 6.65
CA VAL A 112 -17.73 10.07 7.96
C VAL A 112 -17.52 11.59 8.09
N MET A 113 -18.14 12.18 9.13
CA MET A 113 -18.08 13.59 9.39
C MET A 113 -16.72 13.95 9.96
N PRO A 114 -16.30 15.20 9.75
CA PRO A 114 -15.04 15.64 10.32
C PRO A 114 -14.92 15.31 11.82
N GLY A 115 -13.77 14.80 12.20
CA GLY A 115 -13.49 14.42 13.57
C GLY A 115 -12.33 13.47 13.65
N GLU A 116 -12.04 13.05 14.89
CA GLU A 116 -11.00 12.11 15.19
C GLU A 116 -11.73 10.90 15.70
N TYR A 117 -11.36 9.76 15.14
CA TYR A 117 -12.03 8.48 15.41
C TYR A 117 -10.94 7.49 15.85
N GLN A 118 -10.85 7.28 17.16
CA GLN A 118 -9.80 6.39 17.68
C GLN A 118 -10.34 4.94 17.67
N GLY A 119 -9.57 4.02 17.09
CA GLY A 119 -9.87 2.61 17.15
C GLY A 119 -9.69 1.97 15.80
N THR A 120 -9.59 0.65 15.81
CA THR A 120 -9.48 -0.11 14.62
C THR A 120 -10.74 -0.04 13.78
N VAL A 121 -10.59 -0.33 12.46
CA VAL A 121 -11.76 -0.50 11.58
C VAL A 121 -11.38 -1.74 10.79
N TYR A 122 -12.16 -2.78 10.95
CA TYR A 122 -11.97 -4.05 10.23
C TYR A 122 -13.17 -4.21 9.29
N VAL A 123 -12.86 -4.33 8.01
CA VAL A 123 -13.94 -4.44 6.98
C VAL A 123 -13.85 -5.83 6.42
N PRO A 124 -14.81 -6.68 6.71
CA PRO A 124 -14.71 -8.08 6.29
C PRO A 124 -15.04 -8.32 4.86
N ALA A 125 -14.61 -9.48 4.40
CA ALA A 125 -15.08 -9.98 3.11
C ALA A 125 -16.60 -10.07 3.16
N ALA A 126 -17.23 -9.66 2.06
CA ALA A 126 -18.68 -9.58 1.99
C ALA A 126 -19.03 -9.63 0.52
N PRO A 127 -20.24 -10.02 0.21
CA PRO A 127 -20.72 -10.03 -1.16
C PRO A 127 -20.80 -8.69 -1.85
N GLY A 128 -21.01 -7.63 -1.10
CA GLY A 128 -21.08 -6.30 -1.62
C GLY A 128 -19.89 -5.43 -1.18
N GLY A 129 -19.60 -4.43 -2.02
CA GLY A 129 -18.57 -3.42 -1.74
C GLY A 129 -18.99 -2.39 -0.71
N ILE A 130 -18.01 -1.93 0.06
CA ILE A 130 -18.21 -0.85 0.98
C ILE A 130 -17.42 0.36 0.54
N THR A 131 -18.08 1.53 0.49
CA THR A 131 -17.39 2.83 0.25
C THR A 131 -17.41 3.63 1.51
N LEU A 132 -16.25 4.04 1.98
CA LEU A 132 -16.14 4.88 3.19
C LEU A 132 -15.48 6.18 2.77
N TYR A 133 -16.10 7.30 3.08
CA TYR A 133 -15.60 8.57 2.63
C TYR A 133 -15.79 9.64 3.64
N GLY A 134 -14.80 10.51 3.68
CA GLY A 134 -14.88 11.69 4.53
C GLY A 134 -15.64 12.79 3.91
N THR A 135 -16.20 13.62 4.77
CA THR A 135 -16.97 14.79 4.28
C THR A 135 -16.37 16.14 4.67
N GLY A 136 -15.11 16.11 5.08
CA GLY A 136 -14.37 17.33 5.38
C GLY A 136 -13.91 18.05 4.11
N GLU A 137 -13.40 19.29 4.27
CA GLU A 137 -12.81 20.04 3.09
C GLU A 137 -11.53 19.41 2.63
N LYS A 138 -10.77 18.78 3.55
CA LYS A 138 -9.54 18.10 3.18
C LYS A 138 -9.51 16.69 3.77
N PRO A 139 -8.66 15.83 3.24
CA PRO A 139 -8.59 14.49 3.88
C PRO A 139 -8.14 14.46 5.30
N ILE A 140 -7.38 15.48 5.72
CA ILE A 140 -6.93 15.54 7.11
C ILE A 140 -8.04 15.80 8.13
N ASP A 141 -9.19 16.23 7.64
CA ASP A 141 -10.32 16.57 8.48
C ASP A 141 -11.01 15.37 9.11
N VAL A 142 -10.84 14.14 8.54
CA VAL A 142 -11.40 12.94 9.12
C VAL A 142 -10.16 12.09 9.44
N LYS A 143 -9.91 11.79 10.70
CA LYS A 143 -8.70 11.09 11.15
C LYS A 143 -9.10 9.79 11.81
N ILE A 144 -8.62 8.70 11.31
CA ILE A 144 -8.85 7.37 11.86
C ILE A 144 -7.52 6.88 12.38
N GLY A 145 -7.42 6.55 13.65
CA GLY A 145 -6.10 6.19 14.17
C GLY A 145 -6.16 5.35 15.44
N LEU A 146 -5.07 4.67 15.64
CA LEU A 146 -4.79 3.93 16.89
C LEU A 146 -3.26 3.65 16.87
N SER A 147 -2.65 3.41 18.02
CA SER A 147 -1.23 3.04 18.09
C SER A 147 -1.13 1.57 18.30
N LEU A 148 -0.58 0.83 17.33
CA LEU A 148 -0.36 -0.59 17.46
C LEU A 148 1.00 -0.97 16.88
N ASP A 149 1.73 -1.75 17.61
CA ASP A 149 3.10 -2.15 17.25
C ASP A 149 3.14 -3.67 17.12
N GLY A 150 3.71 -4.18 16.05
CA GLY A 150 3.86 -5.64 15.88
C GLY A 150 4.61 -6.30 16.99
N GLY A 151 5.44 -5.56 17.71
CA GLY A 151 6.13 -6.11 18.82
C GLY A 151 5.37 -6.24 20.11
N MET A 152 4.20 -5.68 20.18
CA MET A 152 3.40 -5.64 21.39
C MET A 152 2.85 -7.02 21.74
N SER A 153 2.62 -7.21 23.05
CA SER A 153 2.10 -8.44 23.52
C SER A 153 0.66 -8.63 23.08
N PRO A 154 0.23 -9.89 22.87
CA PRO A 154 -1.19 -10.08 22.63
C PRO A 154 -2.10 -9.53 23.66
N ALA A 155 -1.78 -9.64 24.94
CA ALA A 155 -2.65 -9.03 25.93
C ALA A 155 -2.85 -7.53 25.80
N ASP A 156 -1.76 -6.80 25.58
CA ASP A 156 -1.79 -5.35 25.34
C ASP A 156 -2.54 -5.03 24.08
N TRP A 157 -2.36 -5.83 23.03
CA TRP A 157 -3.11 -5.72 21.77
C TRP A 157 -4.59 -5.86 21.96
N ARG A 158 -4.99 -6.92 22.67
CA ARG A 158 -6.41 -7.15 22.90
C ARG A 158 -7.08 -6.03 23.65
N HIS A 159 -6.36 -5.47 24.64
CA HIS A 159 -6.86 -4.38 25.42
C HIS A 159 -7.11 -3.14 24.59
N ASP A 160 -6.15 -2.82 23.74
CA ASP A 160 -6.17 -1.61 22.91
C ASP A 160 -7.14 -1.70 21.79
N VAL A 161 -7.25 -2.89 21.16
CA VAL A 161 -8.12 -3.11 19.98
C VAL A 161 -9.58 -3.38 20.35
N ASN A 162 -9.80 -4.05 21.48
CA ASN A 162 -11.14 -4.49 21.87
C ASN A 162 -11.65 -4.11 23.20
N PRO A 163 -11.92 -2.80 23.38
CA PRO A 163 -12.66 -2.34 24.54
C PRO A 163 -14.15 -2.52 24.42
N ARG A 164 -14.79 -2.92 25.51
CA ARG A 164 -16.24 -2.91 25.63
C ARG A 164 -16.98 -3.76 24.60
N GLY A 165 -16.37 -4.87 24.20
CA GLY A 165 -17.03 -5.81 23.28
C GLY A 165 -17.23 -5.32 21.88
N LYS A 166 -16.32 -4.48 21.43
CA LYS A 166 -16.28 -4.05 20.06
C LYS A 166 -16.31 -5.24 19.10
N TYR A 167 -15.51 -6.25 19.40
CA TYR A 167 -15.44 -7.48 18.62
C TYR A 167 -15.86 -8.60 19.54
N MET A 168 -16.88 -9.33 19.08
CA MET A 168 -17.44 -10.47 19.78
C MET A 168 -17.89 -11.50 18.74
N PRO A 169 -17.93 -12.78 19.09
CA PRO A 169 -18.43 -13.76 18.18
C PRO A 169 -19.82 -13.32 17.74
N GLY A 170 -20.09 -13.44 16.49
CA GLY A 170 -21.43 -13.00 16.07
C GLY A 170 -21.50 -11.57 15.67
N LYS A 171 -20.46 -10.77 15.91
CA LYS A 171 -20.43 -9.49 15.23
C LYS A 171 -19.60 -9.66 13.98
N PRO A 172 -19.81 -8.80 12.95
CA PRO A 172 -18.95 -8.84 11.82
C PRO A 172 -17.47 -8.61 12.21
N ALA A 173 -16.63 -9.23 11.45
CA ALA A 173 -15.22 -9.05 11.56
C ALA A 173 -14.67 -9.88 12.69
N TRP A 174 -15.51 -10.67 13.36
CA TRP A 174 -14.95 -11.60 14.35
C TRP A 174 -13.82 -12.46 13.84
N TYR A 175 -13.97 -13.03 12.64
CA TYR A 175 -12.97 -13.95 12.15
C TYR A 175 -11.62 -13.24 12.05
N MET A 176 -11.65 -11.95 11.71
CA MET A 176 -10.43 -11.11 11.58
C MET A 176 -9.78 -10.90 12.96
N TYR A 177 -10.57 -10.44 13.92
CA TYR A 177 -10.10 -10.20 15.26
C TYR A 177 -9.60 -11.47 15.85
N ASP A 178 -10.34 -12.56 15.70
CA ASP A 178 -10.00 -13.84 16.35
C ASP A 178 -8.70 -14.44 15.83
N SER A 179 -8.40 -14.23 14.57
CA SER A 179 -7.11 -14.70 14.02
C SER A 179 -5.89 -14.07 14.67
N CYS A 180 -6.07 -12.90 15.24
CA CYS A 180 -4.99 -12.22 15.92
C CYS A 180 -5.02 -12.50 17.43
N GLN A 181 -6.21 -12.53 18.01
CA GLN A 181 -6.37 -12.43 19.45
C GLN A 181 -6.01 -13.75 20.07
N SER A 182 -6.13 -14.82 19.30
CA SER A 182 -5.80 -16.18 19.69
C SER A 182 -4.30 -16.44 19.84
N LYS A 183 -3.46 -15.56 19.29
CA LYS A 183 -2.03 -15.80 19.30
C LYS A 183 -1.51 -15.85 20.71
N ARG A 184 -0.60 -16.77 20.93
CA ARG A 184 0.03 -16.93 22.24
C ARG A 184 1.56 -16.71 22.13
N SER A 185 1.98 -16.15 21.00
CA SER A 185 3.35 -15.76 20.81
C SER A 185 3.68 -14.53 21.67
N ASP A 186 4.96 -14.22 21.77
CA ASP A 186 5.42 -13.12 22.59
C ASP A 186 4.92 -11.79 22.04
N SER A 187 4.85 -11.72 20.72
CA SER A 187 4.49 -10.49 19.99
C SER A 187 3.36 -10.80 19.02
N ILE A 188 2.53 -9.81 18.72
CA ILE A 188 1.39 -10.06 17.85
C ILE A 188 1.75 -10.11 16.36
N GLY A 189 2.79 -9.39 15.95
CA GLY A 189 3.25 -9.39 14.56
C GLY A 189 2.71 -8.33 13.63
N VAL A 190 3.41 -8.07 12.53
CA VAL A 190 3.02 -6.98 11.61
C VAL A 190 1.62 -7.20 11.07
N LEU A 191 1.27 -8.44 10.75
CA LEU A 191 -0.03 -8.73 10.14
C LEU A 191 -1.23 -8.54 11.10
N CYS A 192 -0.98 -8.14 12.33
CA CYS A 192 -2.02 -7.78 13.25
C CYS A 192 -1.90 -6.36 13.71
N SER A 193 -0.95 -5.60 13.19
CA SER A 193 -0.73 -4.25 13.70
C SER A 193 -1.52 -3.17 12.97
N ALA A 194 -2.37 -3.56 12.02
CA ALA A 194 -3.09 -2.56 11.24
C ALA A 194 -4.18 -1.85 11.96
N VAL A 195 -4.29 -0.55 11.76
CA VAL A 195 -5.43 0.24 12.31
C VAL A 195 -6.67 -0.05 11.48
N PHE A 196 -6.53 0.02 10.16
CA PHE A 196 -7.61 -0.19 9.21
C PHE A 196 -7.21 -1.41 8.43
N TRP A 197 -8.02 -2.46 8.52
CA TRP A 197 -7.76 -3.73 7.81
C TRP A 197 -9.00 -4.15 7.10
N SER A 198 -8.86 -4.21 5.80
CA SER A 198 -9.97 -4.67 4.93
C SER A 198 -9.67 -5.92 4.19
N GLN A 199 -10.66 -6.84 4.18
CA GLN A 199 -10.67 -7.94 3.24
C GLN A 199 -11.78 -7.78 2.23
N ASN A 200 -12.46 -6.66 2.20
CA ASN A 200 -13.62 -6.45 1.32
C ASN A 200 -13.16 -6.22 -0.13
N ASN A 201 -13.66 -7.07 -1.05
CA ASN A 201 -13.46 -6.84 -2.44
C ASN A 201 -14.27 -5.64 -2.81
N GLY A 202 -13.70 -4.76 -3.59
CA GLY A 202 -14.47 -3.59 -3.88
C GLY A 202 -14.47 -2.47 -2.93
N LEU A 203 -13.70 -2.53 -1.88
CA LEU A 203 -13.55 -1.39 -0.94
C LEU A 203 -13.16 -0.15 -1.69
N GLN A 204 -13.80 0.97 -1.35
CA GLN A 204 -13.45 2.27 -1.85
C GLN A 204 -13.24 3.18 -0.68
N LEU A 205 -12.12 3.89 -0.64
CA LEU A 205 -11.80 4.89 0.42
C LEU A 205 -11.52 6.22 -0.23
N GLN A 206 -12.11 7.27 0.29
CA GLN A 206 -11.91 8.59 -0.27
C GLN A 206 -11.92 9.67 0.81
N ASN A 207 -11.03 10.66 0.71
CA ASN A 207 -11.15 11.89 1.47
C ASN A 207 -11.10 11.70 2.96
N LEU A 208 -10.11 10.94 3.43
CA LEU A 208 -9.91 10.69 4.85
C LEU A 208 -8.46 10.37 5.12
N THR A 209 -8.12 10.29 6.40
CA THR A 209 -6.76 10.05 6.88
C THR A 209 -6.79 8.83 7.73
N ILE A 210 -5.83 7.95 7.48
CA ILE A 210 -5.66 6.73 8.32
C ILE A 210 -4.23 6.73 8.84
N GLU A 211 -4.06 6.64 10.16
CA GLU A 211 -2.74 6.83 10.79
C GLU A 211 -2.57 5.73 11.84
N ASN A 212 -1.42 5.09 11.82
CA ASN A 212 -0.93 4.35 12.99
C ASN A 212 -0.10 5.34 13.81
N THR A 213 -0.69 5.70 14.93
CA THR A 213 -0.23 6.87 15.69
C THR A 213 0.94 6.46 16.60
N LEU A 214 1.50 5.27 16.46
CA LEU A 214 2.75 4.92 17.21
C LEU A 214 3.86 5.95 16.96
N GLY A 215 4.00 6.37 15.72
CA GLY A 215 4.81 7.50 15.40
C GLY A 215 6.17 7.50 16.00
N ASP A 216 6.53 8.61 16.64
CA ASP A 216 7.88 8.75 17.19
C ASP A 216 7.96 8.39 18.68
N SER A 217 7.02 7.58 19.14
CA SER A 217 7.00 7.12 20.52
C SER A 217 7.94 5.96 20.74
N VAL A 218 8.48 5.42 19.65
CA VAL A 218 9.38 4.31 19.68
C VAL A 218 10.68 4.69 19.00
N ASP A 219 11.70 3.88 19.25
CA ASP A 219 13.02 4.07 18.67
C ASP A 219 13.22 3.62 17.24
N ALA A 220 14.47 3.71 16.78
CA ALA A 220 14.77 3.49 15.33
C ALA A 220 14.74 2.04 14.87
N GLY A 221 14.50 1.11 15.79
CA GLY A 221 14.56 -0.32 15.49
C GLY A 221 13.30 -0.85 14.84
N ASN A 222 13.13 -2.16 14.84
CA ASN A 222 11.98 -2.78 14.20
C ASN A 222 10.71 -2.54 15.00
N HIS A 223 9.78 -1.78 14.41
CA HIS A 223 8.51 -1.46 15.00
C HIS A 223 7.44 -1.39 13.96
N PRO A 224 7.04 -2.53 13.42
CA PRO A 224 6.00 -2.54 12.37
C PRO A 224 4.74 -1.94 12.95
N ALA A 225 4.13 -1.01 12.24
CA ALA A 225 2.94 -0.40 12.69
C ALA A 225 2.11 0.06 11.48
N VAL A 226 1.33 -0.87 11.00
CA VAL A 226 0.57 -0.64 9.79
C VAL A 226 -0.57 0.31 10.02
N ALA A 227 -0.73 1.26 9.11
CA ALA A 227 -1.85 2.17 9.09
C ALA A 227 -3.01 1.49 8.37
N LEU A 228 -2.81 1.13 7.10
CA LEU A 228 -3.88 0.55 6.24
C LEU A 228 -3.34 -0.76 5.72
N ARG A 229 -4.12 -1.83 5.92
CA ARG A 229 -3.90 -3.11 5.28
C ARG A 229 -5.07 -3.44 4.42
N THR A 230 -4.81 -3.83 3.18
CA THR A 230 -5.91 -4.20 2.30
C THR A 230 -5.59 -5.53 1.64
N ASP A 231 -6.55 -6.45 1.70
CA ASP A 231 -6.40 -7.82 1.11
C ASP A 231 -7.41 -8.06 -0.01
N GLY A 232 -8.37 -7.16 -0.22
CA GLY A 232 -9.42 -7.33 -1.20
C GLY A 232 -8.96 -7.06 -2.63
N ASP A 233 -9.70 -7.60 -3.57
CA ASP A 233 -9.49 -7.28 -5.02
C ASP A 233 -10.36 -6.14 -5.38
N GLN A 234 -9.96 -5.39 -6.40
CA GLN A 234 -10.70 -4.30 -6.97
C GLN A 234 -10.90 -3.19 -5.94
N VAL A 235 -9.83 -2.81 -5.22
CA VAL A 235 -9.90 -1.81 -4.19
C VAL A 235 -9.45 -0.47 -4.77
N GLN A 236 -10.15 0.60 -4.44
CA GLN A 236 -9.83 1.94 -4.92
C GLN A 236 -9.65 2.85 -3.77
N ILE A 237 -8.52 3.52 -3.70
CA ILE A 237 -8.22 4.47 -2.60
C ILE A 237 -7.89 5.78 -3.29
N ASN A 238 -8.71 6.83 -3.04
CA ASN A 238 -8.57 8.08 -3.77
C ASN A 238 -8.54 9.24 -2.79
N ASN A 239 -7.55 10.10 -2.92
CA ASN A 239 -7.45 11.32 -2.05
C ASN A 239 -7.50 10.96 -0.61
N VAL A 240 -6.62 10.03 -0.21
CA VAL A 240 -6.47 9.57 1.18
C VAL A 240 -5.09 9.90 1.65
N ASN A 241 -4.93 10.20 2.93
CA ASN A 241 -3.60 10.30 3.55
C ASN A 241 -3.40 9.05 4.37
N ILE A 242 -2.30 8.36 4.14
CA ILE A 242 -1.92 7.17 4.91
C ILE A 242 -0.63 7.44 5.62
N LEU A 243 -0.69 7.53 6.95
CA LEU A 243 0.38 8.10 7.74
C LEU A 243 0.92 7.07 8.69
N GLY A 244 2.24 6.88 8.64
CA GLY A 244 2.92 6.00 9.55
C GLY A 244 4.41 6.23 9.55
N ARG A 245 5.11 5.17 9.95
CA ARG A 245 6.58 5.16 10.01
C ARG A 245 7.00 3.86 9.34
N GLN A 246 7.07 2.75 10.10
CA GLN A 246 7.44 1.45 9.47
C GLN A 246 6.22 0.68 9.05
N ASN A 247 6.18 0.29 7.78
CA ASN A 247 5.14 -0.53 7.17
C ASN A 247 3.78 0.20 7.16
N THR A 248 3.74 1.49 6.77
CA THR A 248 2.54 2.24 6.69
C THR A 248 1.36 1.63 5.92
N PHE A 249 1.62 1.17 4.71
CA PHE A 249 0.61 0.63 3.83
C PHE A 249 1.04 -0.81 3.50
N PHE A 250 0.16 -1.80 3.75
CA PHE A 250 0.50 -3.20 3.58
C PHE A 250 -0.58 -3.82 2.72
N VAL A 251 -0.22 -4.41 1.59
CA VAL A 251 -1.18 -5.17 0.87
C VAL A 251 -0.86 -6.64 1.00
N THR A 252 -1.87 -7.46 1.11
CA THR A 252 -1.65 -8.86 1.11
C THR A 252 -2.69 -9.56 0.27
N ASN A 253 -2.45 -10.83 0.05
CA ASN A 253 -3.31 -11.69 -0.70
C ASN A 253 -3.94 -12.75 0.20
N SER A 254 -4.00 -12.47 1.47
CA SER A 254 -4.58 -13.35 2.45
C SER A 254 -6.04 -13.59 2.22
N GLY A 255 -6.44 -14.80 2.60
CA GLY A 255 -7.86 -15.14 2.74
C GLY A 255 -8.20 -15.11 4.22
N VAL A 256 -9.15 -15.94 4.63
CA VAL A 256 -9.59 -15.86 6.02
C VAL A 256 -8.59 -16.36 7.09
N GLN A 257 -7.56 -17.07 6.66
CA GLN A 257 -6.46 -17.51 7.54
C GLN A 257 -5.43 -16.47 8.02
N ASN A 258 -5.52 -15.23 7.52
CA ASN A 258 -4.57 -14.18 7.89
C ASN A 258 -3.10 -14.56 7.71
N ARG A 259 -2.70 -14.85 6.48
CA ARG A 259 -1.31 -15.11 6.15
C ARG A 259 -1.18 -14.97 4.66
N LEU A 260 0.03 -14.69 4.21
CA LEU A 260 0.26 -14.58 2.76
C LEU A 260 0.04 -15.95 2.12
N GLU A 261 -0.50 -15.92 0.92
CA GLU A 261 -0.98 -17.09 0.15
C GLU A 261 -0.17 -17.22 -1.12
N THR A 262 -0.34 -18.34 -1.82
CA THR A 262 0.42 -18.52 -3.07
C THR A 262 -0.39 -18.48 -4.35
N ASN A 263 -1.71 -18.32 -4.30
CA ASN A 263 -2.49 -18.37 -5.54
C ASN A 263 -3.68 -17.40 -5.53
N ARG A 264 -3.37 -16.12 -5.38
CA ARG A 264 -4.40 -15.09 -5.36
C ARG A 264 -3.69 -13.79 -5.68
N GLN A 265 -4.23 -12.97 -6.59
CA GLN A 265 -3.57 -11.77 -7.00
C GLN A 265 -4.53 -10.54 -6.91
N PRO A 266 -4.73 -10.00 -5.73
CA PRO A 266 -5.61 -8.85 -5.58
C PRO A 266 -5.07 -7.62 -6.21
N ARG A 267 -5.96 -6.84 -6.84
CA ARG A 267 -5.59 -5.61 -7.52
C ARG A 267 -6.14 -4.37 -6.78
N THR A 268 -5.26 -3.42 -6.61
CA THR A 268 -5.58 -2.15 -5.91
C THR A 268 -5.14 -0.97 -6.74
N LEU A 269 -5.95 0.08 -6.76
CA LEU A 269 -5.59 1.34 -7.42
C LEU A 269 -5.57 2.43 -6.37
N VAL A 270 -4.45 3.11 -6.22
CA VAL A 270 -4.32 4.23 -5.25
C VAL A 270 -4.04 5.48 -6.08
N THR A 271 -4.93 6.46 -6.03
CA THR A 271 -4.79 7.67 -6.79
C THR A 271 -4.84 8.93 -5.91
N ASN A 272 -4.06 9.95 -6.30
CA ASN A 272 -4.26 11.26 -5.73
C ASN A 272 -4.06 11.27 -4.22
N SER A 273 -3.18 10.42 -3.73
CA SER A 273 -3.03 10.17 -2.28
C SER A 273 -1.66 10.60 -1.75
N TYR A 274 -1.52 10.54 -0.46
CA TYR A 274 -0.28 10.94 0.20
C TYR A 274 0.05 9.85 1.15
N ILE A 275 1.27 9.30 1.08
CA ILE A 275 1.68 8.18 1.94
C ILE A 275 3.01 8.54 2.57
N GLU A 276 3.07 8.47 3.89
CA GLU A 276 4.27 8.93 4.67
C GLU A 276 4.76 7.76 5.51
N GLY A 277 6.07 7.63 5.61
CA GLY A 277 6.67 6.68 6.51
C GLY A 277 8.17 6.76 6.44
N ASP A 278 8.80 5.72 6.94
CA ASP A 278 10.26 5.62 6.81
C ASP A 278 10.76 4.30 6.22
N VAL A 279 10.59 3.21 6.93
CA VAL A 279 11.08 1.88 6.55
C VAL A 279 9.94 1.06 5.99
N ASP A 280 10.09 0.65 4.74
CA ASP A 280 9.12 -0.18 4.03
C ASP A 280 7.76 0.43 4.07
N ILE A 281 7.64 1.62 3.51
CA ILE A 281 6.45 2.40 3.61
C ILE A 281 5.29 1.68 2.92
N VAL A 282 5.53 1.10 1.76
CA VAL A 282 4.51 0.34 0.99
C VAL A 282 5.06 -1.09 0.84
N SER A 283 4.41 -2.05 1.48
CA SER A 283 4.88 -3.40 1.55
C SER A 283 3.84 -4.40 1.13
N GLY A 284 4.27 -5.54 0.64
CA GLY A 284 3.41 -6.68 0.56
C GLY A 284 3.22 -7.31 -0.76
N ARG A 285 2.17 -8.12 -0.81
CA ARG A 285 1.92 -9.00 -1.98
C ARG A 285 0.58 -8.61 -2.59
N GLY A 286 0.60 -8.29 -3.87
CA GLY A 286 -0.61 -7.84 -4.55
C GLY A 286 -0.14 -6.95 -5.68
N ALA A 287 -1.01 -6.72 -6.65
CA ALA A 287 -0.76 -5.86 -7.74
C ALA A 287 -1.36 -4.50 -7.38
N VAL A 288 -0.51 -3.50 -7.25
CA VAL A 288 -0.97 -2.17 -6.80
C VAL A 288 -0.47 -1.16 -7.78
N VAL A 289 -1.33 -0.28 -8.26
CA VAL A 289 -0.98 0.85 -9.11
C VAL A 289 -1.17 2.13 -8.32
N PHE A 290 -0.13 2.95 -8.23
CA PHE A 290 -0.15 4.25 -7.55
C PHE A 290 -0.07 5.26 -8.63
N ASP A 291 -1.07 6.12 -8.79
CA ASP A 291 -1.07 7.17 -9.81
C ASP A 291 -1.21 8.53 -9.11
N ASN A 292 -0.37 9.50 -9.45
CA ASN A 292 -0.41 10.78 -8.82
C ASN A 292 -0.48 10.76 -7.31
N THR A 293 0.38 9.94 -6.76
CA THR A 293 0.52 9.79 -5.33
C THR A 293 1.82 10.41 -4.92
N GLU A 294 1.83 11.05 -3.76
CA GLU A 294 3.06 11.55 -3.17
C GLU A 294 3.51 10.65 -2.08
N PHE A 295 4.77 10.26 -2.14
CA PHE A 295 5.41 9.46 -1.13
C PHE A 295 6.44 10.32 -0.39
N ARG A 296 6.31 10.39 0.92
CA ARG A 296 7.22 11.22 1.76
C ARG A 296 7.90 10.35 2.76
N VAL A 297 9.24 10.41 2.72
CA VAL A 297 10.06 9.78 3.74
C VAL A 297 10.34 10.75 4.85
N VAL A 298 10.06 10.35 6.10
CA VAL A 298 10.31 11.20 7.28
C VAL A 298 11.51 10.66 8.02
N ASN A 299 12.25 11.51 8.71
CA ASN A 299 13.41 11.04 9.45
C ASN A 299 13.34 11.38 10.95
N SER A 300 12.13 11.51 11.47
CA SER A 300 11.91 11.83 12.88
C SER A 300 12.10 10.62 13.81
N ARG A 301 11.89 9.42 13.30
CA ARG A 301 12.03 8.22 14.12
C ARG A 301 13.40 7.58 13.88
N THR A 302 13.79 7.54 12.61
CA THR A 302 15.09 6.96 12.21
C THR A 302 15.76 7.84 11.21
N GLN A 303 17.06 8.01 11.39
CA GLN A 303 17.84 8.77 10.45
C GLN A 303 18.78 7.86 9.67
N GLN A 304 18.76 6.57 9.95
CA GLN A 304 19.78 5.67 9.38
C GLN A 304 19.36 4.96 8.09
N GLU A 305 18.07 4.89 7.85
CA GLU A 305 17.58 4.09 6.74
C GLU A 305 16.16 4.47 6.41
N ALA A 306 15.79 4.24 5.17
CA ALA A 306 14.43 4.47 4.72
C ALA A 306 14.29 3.80 3.40
N TYR A 307 13.14 3.20 3.16
CA TYR A 307 12.87 2.42 1.95
C TYR A 307 11.42 2.60 1.57
N VAL A 308 11.11 3.10 0.38
CA VAL A 308 9.76 3.37 0.05
C VAL A 308 8.97 2.11 -0.21
N PHE A 309 9.47 1.27 -1.12
CA PHE A 309 8.73 0.08 -1.54
C PHE A 309 9.38 -1.20 -1.10
N ALA A 310 8.57 -2.13 -0.53
CA ALA A 310 9.04 -3.46 -0.13
C ALA A 310 8.09 -4.52 -0.59
N PRO A 311 8.08 -4.76 -1.89
CA PRO A 311 7.22 -5.74 -2.46
C PRO A 311 7.66 -7.19 -2.09
N ALA A 312 6.66 -8.03 -1.93
CA ALA A 312 6.77 -9.42 -1.59
C ALA A 312 6.20 -10.31 -2.72
N THR A 313 6.24 -9.82 -3.93
CA THR A 313 5.66 -10.43 -5.08
C THR A 313 6.24 -11.86 -5.28
N LEU A 314 5.36 -12.81 -5.59
CA LEU A 314 5.77 -14.16 -5.81
C LEU A 314 6.59 -14.21 -7.09
N SER A 315 7.59 -15.09 -7.13
CA SER A 315 8.53 -15.07 -8.26
C SER A 315 7.92 -15.52 -9.58
N ASN A 316 6.80 -16.27 -9.55
CA ASN A 316 6.07 -16.67 -10.72
C ASN A 316 5.06 -15.66 -11.23
N ILE A 317 4.85 -14.60 -10.46
CA ILE A 317 3.85 -13.52 -10.74
C ILE A 317 4.61 -12.33 -11.27
N TYR A 318 4.11 -11.75 -12.35
CA TYR A 318 4.90 -10.74 -13.03
C TYR A 318 4.69 -9.32 -12.55
N TYR A 319 3.63 -9.10 -11.79
CA TYR A 319 3.20 -7.74 -11.48
C TYR A 319 3.05 -7.58 -10.04
N GLY A 320 3.88 -6.63 -9.48
CA GLY A 320 3.84 -6.17 -8.15
C GLY A 320 3.31 -4.76 -8.03
N PHE A 321 4.22 -3.83 -7.85
CA PHE A 321 3.88 -2.42 -7.66
C PHE A 321 4.18 -1.57 -8.84
N LEU A 322 3.29 -0.62 -9.20
CA LEU A 322 3.62 0.32 -10.26
C LEU A 322 3.38 1.69 -9.70
N ALA A 323 4.37 2.58 -9.73
CA ALA A 323 4.17 3.98 -9.35
C ALA A 323 4.33 4.77 -10.63
N VAL A 324 3.28 5.49 -11.01
CA VAL A 324 3.23 6.28 -12.27
C VAL A 324 2.84 7.69 -11.97
N ASN A 325 3.52 8.66 -12.52
CA ASN A 325 3.16 10.04 -12.45
C ASN A 325 3.05 10.47 -10.95
N SER A 326 3.99 9.99 -10.17
CA SER A 326 3.99 10.15 -8.72
C SER A 326 5.24 11.03 -8.33
N ARG A 327 5.29 11.40 -7.05
CA ARG A 327 6.25 12.36 -6.49
C ARG A 327 6.86 11.69 -5.27
N PHE A 328 8.17 11.72 -5.18
CA PHE A 328 8.90 11.11 -4.09
C PHE A 328 9.80 12.15 -3.41
N ASN A 329 9.62 12.34 -2.12
CA ASN A 329 10.36 13.36 -1.36
C ASN A 329 10.96 12.77 -0.11
N ALA A 330 12.21 13.06 0.16
CA ALA A 330 12.86 12.60 1.42
C ALA A 330 13.66 13.70 2.09
N PHE A 331 13.65 13.72 3.41
CA PHE A 331 14.37 14.77 4.21
C PHE A 331 15.91 14.68 4.13
N GLY A 332 16.51 13.87 4.99
CA GLY A 332 17.96 13.68 5.13
C GLY A 332 18.91 13.82 3.94
N ASP A 333 20.17 13.47 4.17
CA ASP A 333 21.22 13.69 3.18
C ASP A 333 21.57 12.40 2.45
N GLY A 334 20.72 12.02 1.49
CA GLY A 334 20.99 10.87 0.65
C GLY A 334 20.92 9.52 1.30
N VAL A 335 20.16 9.38 2.36
CA VAL A 335 20.05 8.13 3.09
C VAL A 335 18.95 7.27 2.48
N ALA A 336 17.83 7.93 2.18
CA ALA A 336 16.60 7.23 1.73
C ALA A 336 16.80 6.48 0.42
N GLN A 337 16.16 5.32 0.35
CA GLN A 337 16.20 4.50 -0.84
C GLN A 337 14.80 4.20 -1.35
N LEU A 338 14.70 3.85 -2.64
CA LEU A 338 13.39 3.64 -3.28
C LEU A 338 12.78 2.35 -2.85
N GLY A 339 13.60 1.37 -2.43
CA GLY A 339 12.99 0.13 -2.03
C GLY A 339 13.95 -1.00 -1.75
N ARG A 340 13.39 -2.15 -1.43
CA ARG A 340 14.13 -3.42 -1.21
C ARG A 340 13.12 -4.51 -1.26
N SER A 341 13.56 -5.70 -1.65
CA SER A 341 12.60 -6.79 -1.74
C SER A 341 12.29 -7.35 -0.35
N LEU A 342 11.03 -7.70 -0.13
CA LEU A 342 10.59 -8.27 1.15
C LEU A 342 10.55 -9.77 0.96
N ASP A 343 11.68 -10.43 1.27
CA ASP A 343 11.90 -11.83 0.94
C ASP A 343 11.33 -12.73 2.06
N VAL A 344 10.02 -12.79 2.10
CA VAL A 344 9.28 -13.46 3.17
C VAL A 344 9.34 -14.97 3.10
N ASP A 345 9.59 -15.48 1.90
CA ASP A 345 9.67 -16.88 1.63
C ASP A 345 10.55 -17.12 0.40
N ALA A 346 10.88 -18.39 0.11
CA ALA A 346 11.86 -18.65 -0.95
C ALA A 346 11.34 -18.30 -2.34
N ASN A 347 10.03 -18.28 -2.50
CA ASN A 347 9.53 -18.05 -3.83
C ASN A 347 9.09 -16.61 -3.99
N THR A 348 9.79 -15.67 -3.37
CA THR A 348 9.46 -14.24 -3.50
C THR A 348 10.61 -13.54 -4.25
N ASN A 349 10.26 -12.58 -5.10
CA ASN A 349 11.24 -11.70 -5.75
C ASN A 349 10.52 -10.41 -6.05
N GLY A 350 10.48 -9.48 -5.09
CA GLY A 350 9.57 -8.39 -5.22
C GLY A 350 9.69 -7.57 -6.50
N GLN A 351 8.58 -7.14 -7.04
CA GLN A 351 8.55 -6.45 -8.26
C GLN A 351 7.99 -5.01 -8.13
N VAL A 352 8.71 -4.06 -8.67
CA VAL A 352 8.27 -2.66 -8.67
C VAL A 352 8.82 -1.94 -9.81
N VAL A 353 7.97 -1.13 -10.45
CA VAL A 353 8.37 -0.18 -11.49
C VAL A 353 7.98 1.20 -11.06
N ILE A 354 8.90 2.14 -11.10
CA ILE A 354 8.64 3.54 -10.91
C ILE A 354 8.85 4.25 -12.21
N ARG A 355 7.78 4.82 -12.75
CA ARG A 355 7.81 5.46 -14.06
C ARG A 355 7.21 6.82 -14.10
N ASP A 356 7.74 7.66 -14.96
CA ASP A 356 7.16 8.93 -15.21
C ASP A 356 6.94 9.81 -13.93
N SER A 357 7.84 9.66 -12.98
CA SER A 357 7.72 10.21 -11.67
C SER A 357 8.85 11.17 -11.32
N ALA A 358 8.57 12.08 -10.38
CA ALA A 358 9.55 13.06 -9.95
C ALA A 358 10.19 12.47 -8.68
N ILE A 359 11.51 12.34 -8.65
CA ILE A 359 12.29 11.90 -7.47
C ILE A 359 13.15 13.03 -7.00
N ASN A 360 12.90 13.52 -5.83
CA ASN A 360 13.36 14.87 -5.56
C ASN A 360 14.52 14.67 -4.68
N GLU A 361 14.83 15.67 -3.87
CA GLU A 361 16.01 15.56 -3.10
C GLU A 361 15.79 14.53 -2.01
N GLY A 362 16.92 14.05 -1.54
CA GLY A 362 17.02 13.26 -0.35
C GLY A 362 17.28 11.82 -0.56
N PHE A 363 17.27 11.35 -1.79
CA PHE A 363 17.49 9.92 -2.05
C PHE A 363 18.93 9.57 -2.35
N ASN A 364 19.29 8.30 -2.13
CA ASN A 364 20.60 7.76 -2.48
C ASN A 364 20.61 7.47 -3.96
N THR A 365 21.23 8.33 -4.76
CA THR A 365 21.09 8.18 -6.20
C THR A 365 22.00 7.14 -6.77
N ALA A 366 23.11 6.85 -6.08
CA ALA A 366 24.07 5.80 -6.45
C ALA A 366 23.59 4.38 -6.15
N LYS A 367 22.83 4.20 -5.07
CA LYS A 367 22.29 2.91 -4.73
C LYS A 367 20.85 3.07 -4.26
N PRO A 368 19.94 3.30 -5.21
CA PRO A 368 18.57 3.52 -4.83
C PRO A 368 17.81 2.32 -4.31
N TRP A 369 18.32 1.12 -4.56
CA TRP A 369 17.71 -0.09 -4.11
C TRP A 369 18.62 -0.86 -3.17
N ALA A 370 18.07 -1.21 -2.03
CA ALA A 370 18.80 -1.87 -0.94
C ALA A 370 18.74 -3.39 -1.04
N ASP A 371 19.61 -4.04 -0.26
CA ASP A 371 19.50 -5.49 -0.15
C ASP A 371 18.18 -5.93 0.49
N ALA A 372 17.81 -7.18 0.28
CA ALA A 372 16.47 -7.65 0.74
C ALA A 372 16.36 -7.76 2.22
N VAL A 373 15.16 -7.47 2.72
CA VAL A 373 14.92 -7.68 4.14
C VAL A 373 14.60 -9.16 4.32
N ILE A 374 14.97 -9.65 5.51
CA ILE A 374 14.72 -11.02 5.99
C ILE A 374 15.83 -11.93 5.49
N SER A 375 16.05 -11.97 4.19
CA SER A 375 17.05 -12.81 3.64
C SER A 375 18.41 -12.19 3.46
N ASN A 376 18.49 -10.86 3.50
CA ASN A 376 19.69 -10.09 3.23
C ASN A 376 20.31 -10.41 1.89
N ARG A 377 19.46 -10.80 0.94
CA ARG A 377 19.90 -11.08 -0.41
C ARG A 377 20.42 -9.80 -1.06
N PRO A 378 21.66 -9.80 -1.50
CA PRO A 378 22.21 -8.55 -2.02
C PRO A 378 21.45 -8.03 -3.22
N PHE A 379 21.31 -6.71 -3.35
CA PHE A 379 20.60 -6.18 -4.49
C PHE A 379 21.41 -6.51 -5.74
N ALA A 380 20.72 -6.95 -6.79
CA ALA A 380 21.37 -7.29 -8.08
C ALA A 380 20.51 -6.85 -9.21
N GLY A 381 20.93 -5.81 -9.90
CA GLY A 381 20.18 -5.28 -10.98
C GLY A 381 20.65 -5.90 -12.27
N ASN A 382 19.72 -6.22 -13.15
CA ASN A 382 20.05 -6.86 -14.42
C ASN A 382 20.15 -5.85 -15.55
N THR A 383 21.33 -5.67 -16.08
CA THR A 383 21.53 -4.72 -17.17
C THR A 383 21.49 -5.41 -18.53
N GLY A 384 21.35 -6.71 -18.50
CA GLY A 384 21.11 -7.49 -19.72
C GLY A 384 22.24 -7.53 -20.73
N SER A 385 21.89 -7.81 -21.97
CA SER A 385 22.87 -7.76 -23.06
C SER A 385 22.21 -7.16 -24.26
N VAL A 386 22.99 -7.03 -25.32
CA VAL A 386 22.47 -6.54 -26.60
C VAL A 386 22.61 -7.67 -27.61
N ASP A 387 21.63 -7.86 -28.50
CA ASP A 387 21.80 -8.79 -29.63
C ASP A 387 21.49 -8.08 -30.95
N ASP A 388 21.24 -8.87 -32.02
CA ASP A 388 21.22 -8.38 -33.41
C ASP A 388 20.59 -6.99 -33.59
N ASN A 389 21.34 -6.11 -34.24
CA ASN A 389 20.96 -4.71 -34.42
C ASN A 389 20.62 -4.00 -33.09
N ASP A 390 21.40 -4.31 -32.05
CA ASP A 390 21.63 -3.41 -30.91
C ASP A 390 20.40 -3.14 -30.06
N GLU A 391 19.70 -4.19 -29.65
CA GLU A 391 18.50 -4.05 -28.85
C GLU A 391 18.78 -4.70 -27.51
N ILE A 392 18.44 -4.01 -26.42
CA ILE A 392 18.66 -4.56 -25.08
C ILE A 392 17.80 -5.76 -24.93
N GLN A 393 18.40 -6.82 -24.42
CA GLN A 393 17.72 -8.07 -24.12
C GLN A 393 17.93 -8.47 -22.67
N ARG A 394 16.84 -8.67 -21.94
CA ARG A 394 16.96 -9.35 -20.67
C ARG A 394 15.62 -9.90 -20.27
N ASN A 395 15.66 -10.99 -19.53
CA ASN A 395 14.44 -11.57 -19.01
C ASN A 395 14.06 -10.80 -17.75
N LEU A 396 12.98 -10.05 -17.81
CA LEU A 396 12.59 -9.20 -16.71
C LEU A 396 12.08 -9.98 -15.50
N ASN A 397 11.92 -11.30 -15.62
CA ASN A 397 11.44 -12.12 -14.52
C ASN A 397 12.49 -13.12 -14.05
N ASP A 398 13.73 -12.87 -14.39
CA ASP A 398 14.86 -13.76 -14.00
C ASP A 398 15.06 -13.75 -12.49
N THR A 399 15.03 -14.93 -11.85
CA THR A 399 15.08 -15.01 -10.44
C THR A 399 16.48 -14.77 -9.90
N ASN A 400 17.47 -14.73 -10.77
CA ASN A 400 18.85 -14.46 -10.41
C ASN A 400 19.14 -12.99 -10.14
N TYR A 401 18.16 -12.15 -10.48
CA TYR A 401 18.26 -10.73 -10.26
C TYR A 401 17.02 -10.19 -9.60
N ASN A 402 17.10 -8.95 -9.11
CA ASN A 402 15.92 -8.30 -8.59
C ASN A 402 15.05 -7.81 -9.74
N ARG A 403 13.85 -7.37 -9.41
CA ARG A 403 12.83 -6.92 -10.34
C ARG A 403 12.31 -5.56 -9.92
N MET A 404 13.25 -4.67 -9.67
CA MET A 404 13.01 -3.28 -9.30
C MET A 404 13.61 -2.37 -10.40
N TRP A 405 12.71 -1.64 -11.04
CA TRP A 405 13.00 -0.91 -12.27
C TRP A 405 12.48 0.51 -12.33
N GLU A 406 13.15 1.34 -13.15
CA GLU A 406 12.73 2.70 -13.37
C GLU A 406 12.60 2.94 -14.84
N TYR A 407 11.73 3.85 -15.20
CA TYR A 407 11.58 4.35 -16.57
C TYR A 407 11.13 5.81 -16.63
N ASN A 408 11.92 6.65 -17.31
CA ASN A 408 11.47 8.03 -17.60
C ASN A 408 11.16 8.89 -16.35
N ASN A 409 11.99 8.76 -15.33
CA ASN A 409 11.82 9.59 -14.13
C ASN A 409 12.62 10.85 -14.26
N ARG A 410 12.26 11.82 -13.43
CA ARG A 410 12.86 13.15 -13.45
C ARG A 410 13.10 13.61 -12.02
N GLY A 411 13.70 14.78 -11.87
CA GLY A 411 14.07 15.22 -10.54
C GLY A 411 15.52 14.96 -10.24
N VAL A 412 16.05 15.68 -9.27
CA VAL A 412 17.45 15.55 -8.89
C VAL A 412 17.77 14.10 -8.49
N GLY A 413 16.80 13.41 -7.90
CA GLY A 413 17.00 12.05 -7.43
C GLY A 413 16.92 11.01 -8.54
N SER A 414 16.68 11.45 -9.77
CA SER A 414 16.63 10.55 -10.92
C SER A 414 17.96 10.35 -11.63
N LYS A 415 18.92 11.20 -11.29
CA LYS A 415 20.21 11.27 -11.96
C LYS A 415 21.19 10.43 -11.17
#